data_7ZL3
#
_entry.id   7ZL3
#
loop_
_entity.id
_entity.type
_entity.pdbx_description
1 polymer 'Protein transport protein Sec61 subunit alpha'
2 polymer 'Protein transport protein Sec61 subunit gamma'
3 polymer 'Protein transport protein Sec61 subunit beta'
4 polymer 'Cyclic depsipeptide signal peptide mimic'
#
loop_
_entity_poly.entity_id
_entity_poly.type
_entity_poly.pdbx_seq_one_letter_code
_entity_poly.pdbx_strand_id
1 'polypeptide(L)'
;MGIKFLEVIKPFCVILPEIQKPERKIQFKEKVLWTAITLFIFLVCCQIPLFGIMSSDSADPYWMRVILASNRGTLMALGI
SPIVTSGLIMQLLAGAKIIEVGDTPKDRALFNGAQKLFGMTITIGQSIVYVMTGMYGDPSEMGAGVCLLITIQLFVAGLI
VLLLDELLQKGYGLGSGISLFIATNICETIVWKAFSPTTVNTGRGMEFEGAIIALFHLLATRTDKVRALREAFYRQNLPN
LMNLIATIFVFAVVIYFQGFRVDLPIKSARYRGQYNTYPIKLFYTSNIPIILQSALVSNLYVISQMLSARFSGNLLVSLL
GTWSDTSSGGPARAYPVGGLCHYLSPPESFGSVLEDPVHAVVYIVFMLGSCAFFSKTWIEVSGSSAKDVAKQLKEQQMVM
RGHRETSMVHELNRYIPTAAAFGGLCIGALSVLADFLGAIGSGTGILLAVTIIYQYFEIFVKEQSEVGSMGALLF
;
A
2 'polypeptide(L)' MDQVMQFVEPSRQFVKDSIRLVKRCTKPDRKEFQKIAMATAIGFAIMGFIGFFVKLIHIPINNIIVGG B
3 'polypeptide(L)'
;(UNK)(UNK)(UNK)(UNK)(UNK)(UNK)(UNK)(UNK)(UNK)(UNK)(UNK)(UNK)(UNK)(UNK)(UNK)(UNK)
(UNK)(UNK)(UNK)(UNK)(UNK)(UNK)(UNK)(UNK)(UNK)(UNK)(UNK)(UNK)(UNK)
;
C
4 'polypeptide(L)' (JMO)(3EG)(MLE)(3EG)(JMX)L E
#
# COMPACT_ATOMS: atom_id res chain seq x y z
N PRO A 11 -36.66 -5.46 -8.16
CA PRO A 11 -35.30 -5.36 -7.62
C PRO A 11 -34.62 -6.71 -7.52
N PHE A 12 -33.29 -6.71 -7.38
CA PHE A 12 -32.54 -7.95 -7.25
C PHE A 12 -31.45 -7.91 -6.19
N CYS A 13 -31.27 -6.80 -5.50
CA CYS A 13 -30.28 -6.69 -4.44
C CYS A 13 -30.83 -7.11 -3.08
N VAL A 14 -32.07 -7.63 -3.04
CA VAL A 14 -32.71 -8.03 -1.79
C VAL A 14 -32.22 -9.39 -1.29
N ILE A 15 -31.24 -9.99 -1.94
CA ILE A 15 -30.79 -11.33 -1.60
C ILE A 15 -29.44 -11.31 -0.87
N LEU A 16 -29.06 -10.16 -0.31
CA LEU A 16 -27.79 -10.05 0.41
C LEU A 16 -27.94 -9.10 1.59
N PRO A 17 -27.12 -9.26 2.62
CA PRO A 17 -27.13 -8.33 3.75
C PRO A 17 -26.11 -7.21 3.55
N GLU A 18 -26.14 -6.26 4.48
CA GLU A 18 -25.28 -5.09 4.40
C GLU A 18 -24.98 -4.59 5.81
N ILE A 19 -23.90 -3.80 5.92
CA ILE A 19 -23.46 -3.30 7.22
C ILE A 19 -24.44 -2.26 7.73
N GLN A 20 -24.46 -2.09 9.05
CA GLN A 20 -25.32 -1.09 9.67
C GLN A 20 -24.79 0.32 9.47
N LYS A 21 -25.70 1.28 9.36
CA LYS A 21 -25.40 2.68 9.09
C LYS A 21 -24.95 3.39 10.37
N PRO A 22 -23.79 4.06 10.36
CA PRO A 22 -23.41 4.88 11.52
C PRO A 22 -24.13 6.23 11.48
N GLU A 23 -25.01 6.45 12.46
CA GLU A 23 -25.73 7.71 12.60
C GLU A 23 -25.56 8.28 14.00
N ARG A 24 -24.50 7.86 14.69
CA ARG A 24 -24.22 8.28 16.06
C ARG A 24 -22.73 8.55 16.19
N LYS A 25 -22.32 9.08 17.33
CA LYS A 25 -20.91 9.38 17.56
C LYS A 25 -20.13 8.06 17.65
N ILE A 26 -18.98 8.03 17.01
CA ILE A 26 -18.22 6.80 16.78
C ILE A 26 -16.81 7.03 17.30
N GLN A 27 -16.56 6.62 18.54
CA GLN A 27 -15.35 6.99 19.24
C GLN A 27 -14.16 6.13 18.80
N PHE A 28 -12.97 6.59 19.20
CA PHE A 28 -11.73 5.94 18.77
C PHE A 28 -11.60 4.51 19.31
N LYS A 29 -11.94 4.32 20.59
CA LYS A 29 -11.73 3.01 21.23
C LYS A 29 -12.52 1.93 20.52
N GLU A 30 -13.84 2.07 20.48
CA GLU A 30 -14.65 1.10 19.75
C GLU A 30 -14.35 1.12 18.25
N LYS A 31 -13.80 2.21 17.74
CA LYS A 31 -13.49 2.24 16.32
C LYS A 31 -12.37 1.27 15.99
N VAL A 32 -11.29 1.29 16.78
CA VAL A 32 -10.26 0.28 16.57
C VAL A 32 -10.78 -1.08 16.99
N LEU A 33 -11.77 -1.11 17.90
CA LEU A 33 -12.41 -2.38 18.23
C LEU A 33 -13.15 -2.97 17.03
N TRP A 34 -13.57 -2.15 16.08
CA TRP A 34 -14.21 -2.65 14.87
C TRP A 34 -13.24 -2.83 13.71
N THR A 35 -12.46 -1.80 13.37
CA THR A 35 -11.56 -1.89 12.22
C THR A 35 -10.31 -2.72 12.51
N ALA A 36 -9.74 -2.58 13.71
CA ALA A 36 -8.48 -3.24 14.04
C ALA A 36 -8.65 -4.58 14.73
N ILE A 37 -9.88 -5.03 14.92
CA ILE A 37 -10.16 -6.34 15.48
C ILE A 37 -10.71 -7.22 14.36
N THR A 38 -10.54 -8.54 14.52
CA THR A 38 -10.80 -9.52 13.46
C THR A 38 -9.92 -9.25 12.24
N LEU A 39 -8.75 -8.66 12.49
CA LEU A 39 -7.73 -8.52 11.46
C LEU A 39 -6.93 -9.79 11.27
N PHE A 40 -7.24 -10.84 12.02
CA PHE A 40 -6.55 -12.11 11.93
C PHE A 40 -7.08 -13.02 10.83
N ILE A 41 -8.22 -12.69 10.22
CA ILE A 41 -8.81 -13.59 9.24
C ILE A 41 -7.90 -13.75 8.04
N PHE A 42 -7.44 -12.64 7.46
CA PHE A 42 -6.43 -12.70 6.42
C PHE A 42 -5.03 -12.78 7.01
N LEU A 43 -4.88 -12.49 8.30
CA LEU A 43 -3.61 -12.60 8.99
C LEU A 43 -3.47 -13.94 9.72
N VAL A 44 -4.30 -14.92 9.35
CA VAL A 44 -4.06 -16.29 9.79
C VAL A 44 -2.66 -16.69 9.35
N CYS A 45 -1.99 -17.47 10.19
CA CYS A 45 -0.65 -17.96 9.88
C CYS A 45 0.32 -16.82 9.57
N PRO A 61 3.24 -16.98 -10.69
CA PRO A 61 2.70 -15.62 -10.61
C PRO A 61 2.96 -14.96 -9.26
N TYR A 62 4.15 -15.20 -8.69
CA TYR A 62 4.47 -14.69 -7.37
C TYR A 62 4.73 -13.19 -7.35
N TRP A 63 4.77 -12.53 -8.51
CA TRP A 63 4.99 -11.09 -8.54
C TRP A 63 3.76 -10.31 -8.12
N MET A 64 2.60 -10.96 -8.01
CA MET A 64 1.38 -10.30 -7.55
C MET A 64 1.13 -10.49 -6.07
N ARG A 65 1.92 -11.31 -5.37
CA ARG A 65 1.69 -11.54 -3.96
C ARG A 65 1.98 -10.29 -3.12
N VAL A 66 2.73 -9.33 -3.66
CA VAL A 66 2.92 -8.07 -2.97
C VAL A 66 1.60 -7.32 -2.84
N ILE A 67 0.71 -7.48 -3.82
CA ILE A 67 -0.59 -6.84 -3.78
C ILE A 67 -1.74 -7.83 -3.55
N LEU A 68 -1.56 -9.10 -3.90
CA LEU A 68 -2.56 -10.14 -3.66
C LEU A 68 -1.83 -11.33 -3.04
N ALA A 69 -1.76 -11.36 -1.72
CA ALA A 69 -0.93 -12.34 -1.02
C ALA A 69 -1.58 -13.72 -1.07
N SER A 70 -1.78 -14.25 -2.28
CA SER A 70 -2.36 -15.59 -2.43
C SER A 70 -1.41 -16.65 -1.89
N ASN A 71 -0.15 -16.61 -2.32
CA ASN A 71 0.89 -17.55 -1.89
C ASN A 71 0.38 -18.96 -2.20
N ARG A 72 0.35 -19.86 -1.23
CA ARG A 72 -0.21 -21.20 -1.41
C ARG A 72 -1.69 -21.26 -1.05
N GLY A 73 -2.34 -20.12 -0.84
CA GLY A 73 -3.75 -20.08 -0.51
C GLY A 73 -4.09 -20.66 0.84
N THR A 74 -3.32 -20.30 1.86
CA THR A 74 -3.59 -20.76 3.23
C THR A 74 -4.61 -19.82 3.90
N LEU A 75 -5.81 -19.82 3.34
CA LEU A 75 -6.94 -18.96 3.70
C LEU A 75 -6.69 -17.50 3.35
N MET A 76 -5.52 -17.14 2.83
CA MET A 76 -5.27 -15.80 2.31
C MET A 76 -4.94 -15.97 0.83
N ALA A 77 -5.97 -15.86 -0.01
CA ALA A 77 -5.78 -15.90 -1.45
C ALA A 77 -6.64 -14.91 -2.20
N LEU A 78 -7.47 -14.12 -1.50
CA LEU A 78 -8.46 -13.24 -2.12
C LEU A 78 -8.54 -11.95 -1.32
N GLY A 79 -7.78 -10.95 -1.76
CA GLY A 79 -7.88 -9.62 -1.21
C GLY A 79 -7.71 -8.59 -2.30
N ILE A 80 -8.46 -7.49 -2.18
CA ILE A 80 -8.38 -6.35 -3.08
C ILE A 80 -8.94 -6.69 -4.46
N SER A 81 -8.58 -7.86 -4.98
CA SER A 81 -9.08 -8.29 -6.29
C SER A 81 -10.60 -8.26 -6.38
N PRO A 82 -11.38 -8.67 -5.37
CA PRO A 82 -12.83 -8.42 -5.44
C PRO A 82 -13.23 -7.09 -4.82
N ILE A 83 -12.41 -6.57 -3.90
CA ILE A 83 -12.82 -5.44 -3.06
C ILE A 83 -13.20 -4.24 -3.91
N VAL A 84 -12.31 -3.84 -4.81
CA VAL A 84 -12.59 -2.68 -5.65
C VAL A 84 -13.43 -3.06 -6.86
N THR A 85 -13.16 -4.24 -7.41
CA THR A 85 -13.82 -4.65 -8.64
C THR A 85 -15.33 -4.77 -8.45
N SER A 86 -15.77 -5.16 -7.25
CA SER A 86 -17.21 -5.36 -6.99
C SER A 86 -18.04 -4.17 -7.44
N GLY A 87 -17.54 -2.96 -7.21
CA GLY A 87 -18.22 -1.77 -7.68
C GLY A 87 -17.68 -1.25 -8.99
N LEU A 88 -16.36 -1.32 -9.17
CA LEU A 88 -15.77 -0.66 -10.33
C LEU A 88 -16.11 -1.38 -11.64
N ILE A 89 -16.30 -2.70 -11.61
CA ILE A 89 -16.66 -3.40 -12.84
C ILE A 89 -18.07 -3.03 -13.26
N MET A 90 -18.98 -2.87 -12.30
CA MET A 90 -20.33 -2.41 -12.61
C MET A 90 -20.30 -0.99 -13.16
N GLN A 91 -19.49 -0.12 -12.55
CA GLN A 91 -19.40 1.26 -13.06
C GLN A 91 -18.83 1.28 -14.47
N LEU A 92 -17.83 0.45 -14.76
CA LEU A 92 -17.26 0.38 -16.10
C LEU A 92 -18.29 -0.14 -17.10
N LEU A 93 -19.00 -1.22 -16.75
CA LEU A 93 -20.01 -1.79 -17.63
C LEU A 93 -21.24 -0.92 -17.78
N ALA A 94 -21.40 0.10 -16.92
CA ALA A 94 -22.49 1.06 -17.11
C ALA A 94 -22.44 1.69 -18.50
N GLY A 95 -21.25 1.87 -19.05
CA GLY A 95 -21.08 2.33 -20.41
C GLY A 95 -21.22 1.26 -21.47
N ALA A 96 -21.47 0.02 -21.08
CA ALA A 96 -21.64 -1.08 -22.02
C ALA A 96 -23.08 -1.56 -22.05
N THR A 104 -25.04 9.12 -2.60
CA THR A 104 -26.32 9.16 -1.92
C THR A 104 -26.70 7.77 -1.39
N PRO A 105 -27.38 7.74 -0.25
CA PRO A 105 -27.86 6.46 0.28
C PRO A 105 -28.85 5.76 -0.62
N LYS A 106 -29.53 6.48 -1.52
CA LYS A 106 -30.47 5.84 -2.45
C LYS A 106 -29.73 4.99 -3.48
N ASP A 107 -28.66 5.54 -4.07
CA ASP A 107 -27.84 4.73 -4.98
C ASP A 107 -27.14 3.60 -4.21
N ARG A 108 -26.78 3.86 -2.96
CA ARG A 108 -26.23 2.80 -2.12
C ARG A 108 -27.22 1.66 -1.98
N ALA A 109 -28.49 1.96 -1.70
CA ALA A 109 -29.50 0.93 -1.60
C ALA A 109 -29.68 0.22 -2.94
N LEU A 110 -29.59 0.98 -4.04
CA LEU A 110 -29.77 0.37 -5.35
C LEU A 110 -28.67 -0.64 -5.66
N PHE A 111 -27.42 -0.31 -5.33
CA PHE A 111 -26.29 -1.11 -5.77
C PHE A 111 -25.72 -2.05 -4.71
N ASN A 112 -26.19 -1.98 -3.46
CA ASN A 112 -25.47 -2.60 -2.36
C ASN A 112 -25.40 -4.12 -2.50
N GLY A 113 -26.55 -4.77 -2.69
CA GLY A 113 -26.53 -6.22 -2.85
C GLY A 113 -25.85 -6.65 -4.13
N ALA A 114 -26.13 -5.96 -5.24
CA ALA A 114 -25.66 -6.39 -6.54
C ALA A 114 -24.13 -6.32 -6.63
N GLN A 115 -23.52 -5.27 -6.06
CA GLN A 115 -22.07 -5.16 -6.14
C GLN A 115 -21.39 -6.34 -5.44
N LYS A 116 -21.90 -6.72 -4.26
CA LYS A 116 -21.36 -7.89 -3.58
C LYS A 116 -21.62 -9.16 -4.39
N LEU A 117 -22.82 -9.30 -4.97
CA LEU A 117 -23.10 -10.49 -5.78
C LEU A 117 -22.08 -10.66 -6.89
N PHE A 118 -21.87 -9.61 -7.68
CA PHE A 118 -20.93 -9.73 -8.78
C PHE A 118 -19.50 -9.89 -8.30
N GLY A 119 -19.16 -9.26 -7.16
CA GLY A 119 -17.85 -9.48 -6.57
C GLY A 119 -17.62 -10.94 -6.20
N MET A 120 -18.66 -11.61 -5.70
CA MET A 120 -18.48 -13.00 -5.32
C MET A 120 -18.45 -13.90 -6.55
N THR A 121 -19.17 -13.54 -7.61
CA THR A 121 -19.06 -14.29 -8.86
C THR A 121 -17.64 -14.21 -9.41
N ILE A 122 -17.08 -13.00 -9.51
CA ILE A 122 -15.71 -12.89 -10.01
C ILE A 122 -14.73 -13.51 -9.03
N THR A 123 -15.06 -13.51 -7.74
CA THR A 123 -14.22 -14.19 -6.75
C THR A 123 -14.16 -15.68 -7.03
N ILE A 124 -15.30 -16.30 -7.31
CA ILE A 124 -15.32 -17.72 -7.66
C ILE A 124 -14.55 -17.95 -8.95
N GLY A 125 -14.67 -17.04 -9.91
CA GLY A 125 -13.90 -17.17 -11.14
C GLY A 125 -12.41 -17.15 -10.89
N GLN A 126 -11.95 -16.19 -10.08
CA GLN A 126 -10.53 -16.12 -9.74
C GLN A 126 -10.09 -17.39 -9.03
N SER A 127 -10.93 -17.89 -8.12
CA SER A 127 -10.58 -19.10 -7.38
C SER A 127 -10.41 -20.29 -8.32
N ILE A 128 -11.33 -20.46 -9.26
CA ILE A 128 -11.24 -21.63 -10.14
C ILE A 128 -10.04 -21.50 -11.08
N VAL A 129 -9.76 -20.29 -11.56
CA VAL A 129 -8.59 -20.15 -12.42
C VAL A 129 -7.29 -20.33 -11.63
N TYR A 130 -7.29 -19.91 -10.35
CA TYR A 130 -6.14 -20.18 -9.48
C TYR A 130 -5.96 -21.68 -9.27
N VAL A 131 -7.07 -22.41 -9.15
CA VAL A 131 -6.98 -23.87 -9.10
C VAL A 131 -6.37 -24.40 -10.39
N MET A 132 -6.73 -23.81 -11.53
CA MET A 132 -6.07 -24.17 -12.78
C MET A 132 -4.57 -23.91 -12.70
N THR A 133 -4.16 -22.84 -12.04
CA THR A 133 -2.74 -22.56 -11.85
C THR A 133 -2.11 -23.54 -10.86
N VAL A 146 -13.88 -32.00 -7.91
CA VAL A 146 -12.66 -32.62 -7.40
C VAL A 146 -11.98 -31.70 -6.40
N CYS A 147 -11.75 -30.45 -6.81
CA CYS A 147 -11.10 -29.45 -5.98
C CYS A 147 -12.09 -28.44 -5.41
N LEU A 148 -13.36 -28.81 -5.29
CA LEU A 148 -14.38 -27.85 -4.85
C LEU A 148 -14.15 -27.38 -3.43
N LEU A 149 -13.49 -28.20 -2.60
CA LEU A 149 -13.27 -27.83 -1.21
C LEU A 149 -12.44 -26.55 -1.08
N ILE A 150 -11.32 -26.49 -1.81
CA ILE A 150 -10.46 -25.32 -1.73
C ILE A 150 -11.16 -24.10 -2.32
N THR A 151 -11.92 -24.30 -3.40
CA THR A 151 -12.62 -23.17 -4.01
C THR A 151 -13.66 -22.59 -3.06
N ILE A 152 -14.42 -23.46 -2.36
CA ILE A 152 -15.43 -22.94 -1.45
C ILE A 152 -14.77 -22.31 -0.22
N GLN A 153 -13.60 -22.83 0.20
CA GLN A 153 -12.89 -22.17 1.30
C GLN A 153 -12.43 -20.77 0.88
N LEU A 154 -11.91 -20.64 -0.34
CA LEU A 154 -11.52 -19.32 -0.85
C LEU A 154 -12.73 -18.40 -0.97
N PHE A 155 -13.87 -18.96 -1.39
CA PHE A 155 -15.10 -18.18 -1.45
C PHE A 155 -15.54 -17.70 -0.08
N VAL A 156 -15.40 -18.55 0.94
CA VAL A 156 -15.75 -18.14 2.29
C VAL A 156 -14.84 -17.00 2.76
N ALA A 157 -13.54 -17.13 2.50
CA ALA A 157 -12.61 -16.07 2.87
C ALA A 157 -12.96 -14.76 2.16
N GLY A 158 -13.24 -14.83 0.86
CA GLY A 158 -13.62 -13.64 0.13
C GLY A 158 -14.92 -13.04 0.61
N LEU A 159 -15.90 -13.90 0.94
CA LEU A 159 -17.15 -13.42 1.51
C LEU A 159 -16.91 -12.64 2.79
N ILE A 160 -16.09 -13.19 3.69
CA ILE A 160 -15.80 -12.50 4.95
C ILE A 160 -15.13 -11.17 4.66
N VAL A 161 -14.15 -11.15 3.77
CA VAL A 161 -13.37 -9.94 3.54
C VAL A 161 -14.22 -8.87 2.86
N LEU A 162 -15.04 -9.24 1.88
CA LEU A 162 -15.93 -8.26 1.25
C LEU A 162 -16.95 -7.70 2.25
N LEU A 163 -17.56 -8.58 3.05
CA LEU A 163 -18.52 -8.08 4.03
C LEU A 163 -17.84 -7.20 5.08
N LEU A 164 -16.56 -7.45 5.34
CA LEU A 164 -15.76 -6.63 6.25
C LEU A 164 -15.26 -5.34 5.61
N ASP A 165 -15.27 -5.24 4.29
CA ASP A 165 -14.82 -4.01 3.64
C ASP A 165 -15.64 -2.81 4.11
N GLU A 166 -16.97 -2.91 4.03
CA GLU A 166 -17.80 -1.80 4.50
C GLU A 166 -17.67 -1.58 6.00
N LEU A 167 -17.43 -2.66 6.75
CA LEU A 167 -17.26 -2.53 8.19
C LEU A 167 -16.03 -1.68 8.53
N LEU A 168 -14.94 -1.88 7.81
CA LEU A 168 -13.74 -1.06 8.03
C LEU A 168 -13.87 0.32 7.40
N GLN A 169 -14.60 0.43 6.28
CA GLN A 169 -14.67 1.72 5.59
C GLN A 169 -15.48 2.74 6.39
N LYS A 170 -16.49 2.28 7.14
CA LYS A 170 -17.34 3.22 7.88
C LYS A 170 -16.53 3.93 8.96
N GLY A 171 -16.26 5.22 8.76
CA GLY A 171 -15.47 5.98 9.70
C GLY A 171 -14.02 6.14 9.31
N TYR A 172 -13.15 5.31 9.90
CA TYR A 172 -11.71 5.47 9.72
C TYR A 172 -11.31 5.32 8.26
N GLY A 173 -11.88 4.35 7.56
CA GLY A 173 -11.65 4.18 6.14
C GLY A 173 -10.44 3.36 5.79
N LEU A 174 -10.36 2.15 6.33
CA LEU A 174 -9.26 1.24 6.05
C LEU A 174 -9.61 0.19 5.00
N GLY A 175 -10.77 0.32 4.35
CA GLY A 175 -11.16 -0.61 3.31
C GLY A 175 -10.42 -0.37 2.02
N SER A 176 -10.97 -0.86 0.91
CA SER A 176 -10.40 -0.75 -0.43
C SER A 176 -9.02 -1.38 -0.54
N GLY A 177 -8.64 -2.22 0.43
CA GLY A 177 -7.33 -2.84 0.42
C GLY A 177 -6.20 -1.99 0.94
N ILE A 178 -6.50 -0.80 1.46
CA ILE A 178 -5.44 0.11 1.91
C ILE A 178 -4.64 -0.51 3.05
N SER A 179 -5.26 -1.39 3.83
CA SER A 179 -4.55 -2.05 4.92
C SER A 179 -3.87 -3.34 4.51
N LEU A 180 -4.28 -3.94 3.39
CA LEU A 180 -3.75 -5.25 3.03
C LEU A 180 -2.27 -5.17 2.64
N PHE A 181 -1.88 -4.14 1.90
CA PHE A 181 -0.49 -4.02 1.46
C PHE A 181 0.43 -3.86 2.66
N ILE A 182 0.08 -2.94 3.57
CA ILE A 182 0.87 -2.77 4.79
C ILE A 182 0.85 -4.02 5.65
N ALA A 183 -0.28 -4.74 5.67
CA ALA A 183 -0.35 -5.96 6.47
C ALA A 183 0.59 -7.03 5.94
N THR A 184 0.64 -7.21 4.62
CA THR A 184 1.53 -8.22 4.05
C THR A 184 2.99 -7.75 4.04
N ASN A 185 3.23 -6.44 4.12
CA ASN A 185 4.60 -5.95 4.12
C ASN A 185 5.20 -5.95 5.52
N ILE A 186 4.37 -5.68 6.54
CA ILE A 186 4.90 -5.45 7.87
C ILE A 186 5.52 -6.73 8.43
N CYS A 187 4.95 -7.89 8.09
CA CYS A 187 5.54 -9.15 8.50
C CYS A 187 6.88 -9.37 7.81
N GLU A 188 6.92 -9.19 6.49
CA GLU A 188 8.19 -9.32 5.78
C GLU A 188 9.25 -8.41 6.36
N THR A 189 8.85 -7.28 6.93
CA THR A 189 9.80 -6.40 7.61
C THR A 189 10.24 -6.93 8.97
N ILE A 190 9.29 -7.32 9.83
CA ILE A 190 9.60 -7.52 11.24
C ILE A 190 9.99 -8.95 11.60
N VAL A 191 9.67 -9.94 10.77
CA VAL A 191 9.75 -11.32 11.21
C VAL A 191 11.12 -11.90 10.86
N TRP A 192 12.11 -11.02 10.67
CA TRP A 192 13.50 -11.49 10.55
C TRP A 192 13.94 -12.18 11.83
N LYS A 193 13.55 -11.65 12.99
CA LYS A 193 13.92 -12.23 14.28
C LYS A 193 13.29 -13.60 14.51
N ALA A 194 12.28 -13.98 13.74
CA ALA A 194 11.76 -15.34 13.76
C ALA A 194 12.32 -16.20 12.64
N PHE A 195 12.60 -15.61 11.48
CA PHE A 195 13.19 -16.40 10.39
C PHE A 195 14.59 -16.87 10.76
N SER A 196 15.35 -16.03 11.47
CA SER A 196 16.72 -16.41 11.81
C SER A 196 16.84 -17.63 12.71
N PRO A 197 16.02 -17.82 13.78
CA PRO A 197 16.15 -19.06 14.56
C PRO A 197 15.30 -20.21 14.03
N THR A 198 14.19 -19.92 13.35
CA THR A 198 13.29 -20.98 12.92
C THR A 198 13.85 -21.79 11.76
N THR A 199 14.85 -21.26 11.04
CA THR A 199 15.45 -22.00 9.95
C THR A 199 16.31 -23.13 10.51
N VAL A 200 15.70 -24.32 10.65
CA VAL A 200 16.42 -25.45 11.25
C VAL A 200 17.56 -25.90 10.36
N ASN A 201 17.36 -25.86 9.04
CA ASN A 201 18.43 -26.22 8.12
C ASN A 201 19.54 -25.19 8.21
N THR A 202 20.79 -25.66 8.09
CA THR A 202 21.95 -24.81 8.22
C THR A 202 22.81 -24.75 6.96
N GLY A 203 22.56 -25.60 5.97
CA GLY A 203 23.38 -25.57 4.76
C GLY A 203 24.81 -25.98 5.06
N ARG A 204 25.76 -25.19 4.56
CA ARG A 204 27.17 -25.48 4.79
C ARG A 204 27.64 -24.99 6.16
N GLY A 205 27.21 -23.80 6.57
CA GLY A 205 27.50 -23.29 7.89
C GLY A 205 26.48 -23.77 8.89
N MET A 206 26.51 -23.16 10.08
CA MET A 206 25.56 -23.48 11.15
C MET A 206 24.80 -22.19 11.48
N GLU A 207 23.48 -22.20 11.33
CA GLU A 207 22.67 -21.04 11.70
C GLU A 207 21.38 -21.43 12.44
N PHE A 208 21.33 -22.63 13.03
CA PHE A 208 20.10 -23.08 13.67
C PHE A 208 19.75 -22.22 14.88
N GLU A 209 20.75 -21.79 15.64
CA GLU A 209 20.49 -21.07 16.89
C GLU A 209 19.98 -19.66 16.61
N GLY A 210 20.63 -18.95 15.70
CA GLY A 210 20.22 -17.59 15.40
C GLY A 210 21.36 -16.82 14.76
N ALA A 211 20.98 -15.66 14.21
CA ALA A 211 21.93 -14.76 13.57
C ALA A 211 21.95 -13.35 14.17
N ILE A 212 20.88 -12.94 14.85
CA ILE A 212 20.86 -11.62 15.46
C ILE A 212 21.92 -11.52 16.56
N ILE A 213 21.97 -12.51 17.45
CA ILE A 213 22.99 -12.58 18.48
C ILE A 213 23.53 -14.00 18.54
N ALA A 214 24.65 -14.24 17.86
CA ALA A 214 25.33 -15.53 17.91
C ALA A 214 26.84 -15.36 17.94
N LEU A 215 27.32 -14.23 18.44
CA LEU A 215 28.76 -13.98 18.49
C LEU A 215 29.47 -14.90 19.46
N PHE A 216 28.80 -15.26 20.57
CA PHE A 216 29.43 -16.07 21.60
C PHE A 216 29.80 -17.47 21.11
N HIS A 217 29.24 -17.90 19.97
CA HIS A 217 29.58 -19.22 19.46
C HIS A 217 31.02 -19.31 18.99
N LEU A 218 31.64 -18.19 18.62
CA LEU A 218 33.00 -18.23 18.11
C LEU A 218 33.90 -17.23 18.83
N LEU A 219 33.33 -16.15 19.35
CA LEU A 219 34.10 -15.10 20.01
C LEU A 219 34.73 -15.61 21.31
N ALA A 228 36.92 -16.10 16.72
CA ALA A 228 35.97 -15.01 16.87
C ALA A 228 35.12 -14.84 15.62
N LEU A 229 33.80 -14.92 15.77
CA LEU A 229 32.91 -14.78 14.62
C LEU A 229 33.01 -13.38 14.05
N ARG A 230 33.09 -13.31 12.73
CA ARG A 230 33.25 -12.04 12.01
C ARG A 230 31.97 -11.71 11.28
N GLU A 231 31.42 -10.53 11.53
CA GLU A 231 30.21 -10.09 10.86
C GLU A 231 30.48 -9.59 9.44
N ALA A 232 31.74 -9.36 9.08
CA ALA A 232 32.07 -8.89 7.74
C ALA A 232 32.16 -10.04 6.76
N PHE A 233 31.12 -10.86 6.72
CA PHE A 233 31.02 -11.96 5.77
C PHE A 233 30.31 -11.49 4.50
N TYR A 234 29.95 -12.43 3.64
CA TYR A 234 29.23 -12.06 2.42
C TYR A 234 27.84 -11.57 2.76
N ARG A 235 27.46 -10.44 2.16
CA ARG A 235 26.17 -9.82 2.42
C ARG A 235 25.08 -10.31 1.47
N GLN A 236 25.20 -11.54 0.97
CA GLN A 236 24.16 -12.14 0.14
C GLN A 236 23.36 -13.22 0.84
N ASN A 237 23.94 -13.87 1.85
CA ASN A 237 23.23 -14.86 2.66
C ASN A 237 23.10 -14.29 4.07
N LEU A 238 21.86 -13.94 4.45
CA LEU A 238 21.53 -13.40 5.75
C LEU A 238 22.34 -12.13 6.07
N PRO A 239 22.12 -11.03 5.34
CA PRO A 239 22.78 -9.75 5.65
C PRO A 239 21.97 -8.88 6.62
N ASN A 240 21.91 -9.32 7.87
CA ASN A 240 21.06 -8.64 8.85
C ASN A 240 21.47 -7.19 9.04
N LEU A 241 22.78 -6.94 9.20
CA LEU A 241 23.26 -5.59 9.44
C LEU A 241 22.91 -4.67 8.28
N MET A 242 23.25 -5.07 7.06
CA MET A 242 23.02 -4.23 5.89
C MET A 242 21.52 -4.03 5.65
N ASN A 243 20.73 -5.09 5.78
CA ASN A 243 19.29 -4.97 5.58
C ASN A 243 18.68 -4.01 6.60
N LEU A 244 19.05 -4.14 7.87
CA LEU A 244 18.48 -3.27 8.88
C LEU A 244 18.89 -1.82 8.65
N ILE A 245 20.16 -1.59 8.33
CA ILE A 245 20.63 -0.22 8.09
C ILE A 245 19.90 0.37 6.89
N ALA A 246 19.76 -0.39 5.81
CA ALA A 246 19.06 0.10 4.63
C ALA A 246 17.60 0.39 4.95
N THR A 247 16.94 -0.49 5.70
CA THR A 247 15.54 -0.30 6.01
C THR A 247 15.31 0.95 6.85
N ILE A 248 16.11 1.12 7.90
CA ILE A 248 15.93 2.29 8.75
C ILE A 248 16.30 3.57 7.99
N PHE A 249 17.32 3.49 7.12
CA PHE A 249 17.72 4.66 6.36
C PHE A 249 16.63 5.08 5.36
N VAL A 250 16.02 4.11 4.68
CA VAL A 250 14.97 4.47 3.73
C VAL A 250 13.74 4.98 4.46
N PHE A 251 13.40 4.40 5.63
CA PHE A 251 12.36 4.99 6.45
C PHE A 251 12.68 6.46 6.75
N ALA A 252 13.90 6.73 7.21
CA ALA A 252 14.25 8.09 7.58
C ALA A 252 14.15 9.04 6.40
N VAL A 253 14.67 8.63 5.25
CA VAL A 253 14.69 9.54 4.10
C VAL A 253 13.27 9.79 3.60
N VAL A 254 12.41 8.76 3.60
CA VAL A 254 11.06 8.99 3.11
C VAL A 254 10.25 9.81 4.10
N ILE A 255 10.51 9.66 5.41
CA ILE A 255 9.89 10.56 6.37
C ILE A 255 10.30 11.99 6.11
N TYR A 256 11.62 12.21 5.90
CA TYR A 256 12.11 13.56 5.68
C TYR A 256 11.49 14.17 4.43
N PHE A 257 11.40 13.39 3.36
CA PHE A 257 10.77 13.89 2.14
C PHE A 257 9.26 13.98 2.26
N GLN A 258 8.68 13.32 3.27
CA GLN A 258 7.24 13.27 3.39
C GLN A 258 6.65 14.58 3.91
N GLY A 259 7.40 15.29 4.76
CA GLY A 259 6.95 16.57 5.26
C GLY A 259 7.10 17.73 4.30
N PHE A 260 7.54 17.46 3.06
CA PHE A 260 7.64 18.52 2.08
C PHE A 260 6.25 18.96 1.62
N ARG A 261 5.96 20.25 1.79
CA ARG A 261 4.67 20.79 1.37
C ARG A 261 4.83 22.27 1.14
N VAL A 262 3.87 22.83 0.41
CA VAL A 262 3.82 24.26 0.12
C VAL A 262 2.54 24.82 0.74
N ASP A 263 2.69 25.86 1.55
CA ASP A 263 1.59 26.42 2.31
C ASP A 263 1.05 27.65 1.57
N LEU A 264 -0.06 27.47 0.87
CA LEU A 264 -0.70 28.60 0.20
C LEU A 264 -1.63 29.32 1.17
N PRO A 265 -1.48 30.63 1.34
CA PRO A 265 -2.39 31.37 2.22
C PRO A 265 -3.80 31.39 1.65
N ILE A 266 -4.78 31.26 2.54
CA ILE A 266 -6.20 31.24 2.17
C ILE A 266 -6.96 32.07 3.20
N LYS A 267 -8.03 32.70 2.74
CA LYS A 267 -8.90 33.49 3.60
C LYS A 267 -10.35 33.13 3.29
N SER A 268 -11.17 33.08 4.32
CA SER A 268 -12.60 32.86 4.13
C SER A 268 -13.23 34.10 3.51
N ALA A 269 -14.18 33.89 2.60
CA ALA A 269 -14.69 35.00 1.81
C ALA A 269 -15.48 36.00 2.65
N ARG A 270 -16.33 35.51 3.55
CA ARG A 270 -17.21 36.40 4.31
C ARG A 270 -16.65 36.82 5.65
N TYR A 271 -15.81 36.00 6.28
CA TYR A 271 -15.28 36.31 7.61
C TYR A 271 -13.94 37.00 7.41
N ARG A 272 -13.98 38.30 7.16
CA ARG A 272 -12.78 39.07 6.81
C ARG A 272 -11.90 39.19 8.04
N GLY A 273 -10.85 38.37 8.10
CA GLY A 273 -9.97 38.33 9.24
C GLY A 273 -9.51 36.93 9.56
N GLN A 274 -10.30 35.93 9.17
CA GLN A 274 -9.99 34.53 9.44
C GLN A 274 -8.95 34.06 8.41
N TYR A 275 -7.69 34.02 8.80
CA TYR A 275 -6.62 33.54 7.95
C TYR A 275 -6.42 32.04 8.13
N ASN A 276 -5.86 31.39 7.11
CA ASN A 276 -5.64 29.97 7.16
C ASN A 276 -4.61 29.60 6.09
N THR A 277 -4.16 28.34 6.14
CA THR A 277 -3.22 27.83 5.17
C THR A 277 -3.80 26.60 4.48
N TYR A 278 -3.34 26.35 3.25
CA TYR A 278 -3.76 25.20 2.49
C TYR A 278 -2.51 24.47 2.02
N PRO A 279 -2.38 23.17 2.31
CA PRO A 279 -1.14 22.46 1.97
C PRO A 279 -1.20 21.80 0.60
N ILE A 280 -0.10 21.93 -0.13
CA ILE A 280 0.14 21.19 -1.36
C ILE A 280 1.30 20.25 -1.08
N LYS A 281 1.00 18.95 -0.99
CA LYS A 281 2.03 17.98 -0.67
C LYS A 281 2.95 17.75 -1.87
N LEU A 282 4.22 17.47 -1.57
CA LEU A 282 5.22 17.35 -2.63
C LEU A 282 4.87 16.22 -3.58
N PHE A 283 4.59 15.03 -3.04
CA PHE A 283 4.13 13.93 -3.88
C PHE A 283 2.76 14.21 -4.47
N TYR A 284 1.82 14.64 -3.62
CA TYR A 284 0.49 15.07 -4.06
C TYR A 284 -0.31 13.90 -4.64
N THR A 285 0.31 12.73 -4.71
CA THR A 285 -0.35 11.53 -5.21
C THR A 285 -0.11 10.30 -4.34
N SER A 286 0.84 10.35 -3.40
CA SER A 286 1.12 9.26 -2.46
C SER A 286 1.56 8.04 -3.26
N ASN A 287 0.81 6.94 -3.24
CA ASN A 287 1.28 5.67 -3.79
C ASN A 287 0.87 5.42 -5.23
N ILE A 288 0.11 6.34 -5.84
CA ILE A 288 -0.42 6.07 -7.17
C ILE A 288 0.67 5.74 -8.19
N PRO A 289 1.74 6.53 -8.32
CA PRO A 289 2.75 6.17 -9.33
C PRO A 289 3.44 4.85 -9.02
N ILE A 290 3.76 4.61 -7.76
CA ILE A 290 4.41 3.37 -7.37
C ILE A 290 3.47 2.19 -7.61
N ILE A 291 2.20 2.36 -7.26
CA ILE A 291 1.22 1.30 -7.51
C ILE A 291 1.13 0.98 -8.99
N LEU A 292 1.07 2.02 -9.83
CA LEU A 292 0.93 1.77 -11.27
C LEU A 292 2.17 1.09 -11.83
N GLN A 293 3.36 1.51 -11.39
CA GLN A 293 4.57 0.90 -11.91
C GLN A 293 4.73 -0.53 -11.39
N SER A 294 4.27 -0.80 -10.18
CA SER A 294 4.24 -2.18 -9.70
C SER A 294 3.28 -3.01 -10.53
N ALA A 295 2.15 -2.42 -10.93
CA ALA A 295 1.21 -3.13 -11.80
C ALA A 295 1.84 -3.46 -13.14
N LEU A 296 2.57 -2.51 -13.72
CA LEU A 296 3.28 -2.80 -14.98
C LEU A 296 4.33 -3.87 -14.78
N VAL A 297 5.07 -3.82 -13.67
CA VAL A 297 6.07 -4.84 -13.40
C VAL A 297 5.43 -6.22 -13.33
N SER A 298 4.30 -6.32 -12.64
CA SER A 298 3.56 -7.58 -12.60
C SER A 298 3.13 -8.01 -13.99
N ASN A 299 2.46 -7.11 -14.72
CA ASN A 299 1.95 -7.45 -16.04
C ASN A 299 3.07 -7.84 -17.00
N LEU A 300 4.30 -7.40 -16.74
CA LEU A 300 5.41 -7.83 -17.57
C LEU A 300 5.92 -9.21 -17.13
N TYR A 301 6.22 -9.38 -15.84
CA TYR A 301 6.91 -10.59 -15.42
C TYR A 301 5.99 -11.80 -15.34
N VAL A 302 4.75 -11.63 -14.89
CA VAL A 302 3.85 -12.79 -14.90
C VAL A 302 3.56 -13.22 -16.34
N ILE A 303 3.47 -12.26 -17.26
CA ILE A 303 3.28 -12.62 -18.67
C ILE A 303 4.51 -13.33 -19.21
N SER A 304 5.70 -12.90 -18.80
CA SER A 304 6.92 -13.61 -19.20
C SER A 304 6.93 -15.03 -18.67
N GLN A 305 6.50 -15.23 -17.41
CA GLN A 305 6.40 -16.57 -16.87
C GLN A 305 5.38 -17.41 -17.65
N MET A 306 4.26 -16.80 -18.01
CA MET A 306 3.24 -17.49 -18.80
C MET A 306 3.80 -17.92 -20.15
N LEU A 307 4.53 -17.04 -20.82
CA LEU A 307 5.01 -17.28 -22.17
C LEU A 307 6.31 -18.06 -22.23
N SER A 308 6.99 -18.25 -21.09
CA SER A 308 8.28 -18.94 -21.09
C SER A 308 8.18 -20.33 -21.72
N ALA A 309 7.36 -21.20 -21.12
CA ALA A 309 7.19 -22.54 -21.69
C ALA A 309 6.52 -22.47 -23.05
N ARG A 310 5.53 -21.61 -23.21
CA ARG A 310 4.86 -21.41 -24.49
C ARG A 310 5.81 -20.81 -25.53
N PRO A 336 13.25 -14.41 -15.90
CA PRO A 336 13.83 -13.10 -15.55
C PRO A 336 15.24 -13.23 -15.01
N VAL A 337 15.47 -14.27 -14.21
CA VAL A 337 16.79 -14.53 -13.66
C VAL A 337 17.30 -15.86 -14.21
N GLY A 338 16.81 -16.22 -15.40
CA GLY A 338 17.26 -17.41 -16.09
C GLY A 338 16.39 -17.78 -17.28
N GLY A 339 17.03 -18.18 -18.38
CA GLY A 339 16.30 -18.60 -19.56
C GLY A 339 15.44 -17.53 -20.20
N LEU A 340 15.66 -16.26 -19.87
CA LEU A 340 14.85 -15.18 -20.39
C LEU A 340 15.76 -13.99 -20.72
N CYS A 341 15.26 -13.10 -21.56
CA CYS A 341 16.04 -11.94 -21.98
C CYS A 341 16.32 -11.03 -20.79
N HIS A 342 17.46 -10.33 -20.86
CA HIS A 342 17.84 -9.33 -19.87
C HIS A 342 17.63 -7.91 -20.38
N TYR A 343 16.68 -7.72 -21.30
CA TYR A 343 16.41 -6.38 -21.81
C TYR A 343 15.88 -5.46 -20.72
N LEU A 344 14.95 -5.95 -19.90
CA LEU A 344 14.46 -5.20 -18.76
C LEU A 344 14.48 -6.08 -17.53
N SER A 345 14.97 -5.52 -16.42
CA SER A 345 15.04 -6.19 -15.13
C SER A 345 15.45 -5.20 -14.06
N PRO A 346 15.00 -5.37 -12.81
CA PRO A 346 15.51 -4.54 -11.73
C PRO A 346 16.84 -5.06 -11.23
N PRO A 347 17.93 -4.33 -11.48
CA PRO A 347 19.26 -4.83 -11.11
C PRO A 347 19.40 -4.98 -9.61
N GLU A 348 19.67 -6.21 -9.18
CA GLU A 348 19.85 -6.53 -7.77
C GLU A 348 21.20 -7.21 -7.58
N SER A 349 22.00 -6.65 -6.68
CA SER A 349 23.29 -7.24 -6.31
C SER A 349 23.78 -6.59 -5.02
N PHE A 350 24.30 -7.39 -4.10
CA PHE A 350 24.83 -6.83 -2.86
C PHE A 350 26.03 -5.95 -3.17
N GLY A 351 26.00 -4.73 -2.65
CA GLY A 351 26.98 -3.74 -3.06
C GLY A 351 26.59 -3.14 -4.40
N SER A 352 27.30 -3.52 -5.45
CA SER A 352 26.94 -3.11 -6.81
C SER A 352 27.58 -4.07 -7.79
N VAL A 353 27.10 -4.03 -9.03
CA VAL A 353 27.69 -4.79 -10.13
C VAL A 353 27.56 -3.95 -11.39
N LEU A 354 28.66 -3.80 -12.12
CA LEU A 354 28.67 -3.06 -13.38
C LEU A 354 29.42 -3.87 -14.42
N GLU A 355 28.69 -4.40 -15.39
CA GLU A 355 29.27 -5.08 -16.55
C GLU A 355 28.75 -4.52 -17.86
N ASP A 356 27.51 -4.08 -17.89
CA ASP A 356 26.92 -3.43 -19.07
C ASP A 356 26.08 -2.25 -18.59
N PRO A 357 26.54 -1.01 -18.80
CA PRO A 357 25.79 0.15 -18.30
C PRO A 357 24.43 0.31 -18.95
N VAL A 358 24.19 -0.31 -20.11
CA VAL A 358 22.97 -0.11 -20.86
C VAL A 358 21.73 -0.57 -20.11
N HIS A 359 21.90 -1.35 -19.04
CA HIS A 359 20.78 -1.76 -18.20
C HIS A 359 20.93 -1.37 -16.74
N ALA A 360 22.17 -1.40 -16.21
CA ALA A 360 22.36 -1.12 -14.79
C ALA A 360 21.93 0.29 -14.43
N VAL A 361 22.28 1.27 -15.27
CA VAL A 361 21.93 2.66 -15.01
C VAL A 361 20.60 3.03 -15.64
N VAL A 362 20.38 2.62 -16.90
CA VAL A 362 19.19 3.03 -17.63
C VAL A 362 17.91 2.57 -16.94
N TYR A 363 18.01 1.56 -16.08
CA TYR A 363 16.87 1.20 -15.24
C TYR A 363 16.39 2.38 -14.41
N ILE A 364 17.33 3.19 -13.93
CA ILE A 364 16.96 4.38 -13.17
C ILE A 364 16.13 5.32 -14.03
N VAL A 365 16.55 5.54 -15.27
CA VAL A 365 15.81 6.41 -16.17
C VAL A 365 14.41 5.86 -16.42
N PHE A 366 14.32 4.55 -16.64
CA PHE A 366 13.01 3.92 -16.85
C PHE A 366 12.10 4.17 -15.66
N MET A 367 12.60 3.90 -14.45
CA MET A 367 11.78 4.06 -13.25
C MET A 367 11.34 5.50 -13.05
N LEU A 368 12.28 6.44 -13.21
CA LEU A 368 11.96 7.85 -13.00
C LEU A 368 10.92 8.34 -13.98
N GLY A 369 11.15 8.13 -15.27
CA GLY A 369 10.19 8.55 -16.27
C GLY A 369 8.84 7.90 -16.07
N SER A 370 8.84 6.60 -15.71
CA SER A 370 7.59 5.91 -15.46
C SER A 370 6.80 6.58 -14.35
N CYS A 371 7.44 6.78 -13.19
CA CYS A 371 6.72 7.36 -12.05
C CYS A 371 6.24 8.77 -12.36
N ALA A 372 7.06 9.57 -13.04
CA ALA A 372 6.66 10.93 -13.37
C ALA A 372 5.44 10.92 -14.30
N PHE A 373 5.47 10.07 -15.33
CA PHE A 373 4.33 9.99 -16.23
C PHE A 373 3.08 9.54 -15.50
N PHE A 374 3.21 8.56 -14.61
CA PHE A 374 2.03 8.04 -13.92
C PHE A 374 1.42 9.09 -13.01
N SER A 375 2.25 9.83 -12.28
CA SER A 375 1.72 10.93 -11.47
C SER A 375 1.04 11.97 -12.33
N LYS A 376 1.67 12.35 -13.45
CA LYS A 376 1.12 13.42 -14.27
C LYS A 376 -0.22 13.01 -14.87
N THR A 377 -0.37 11.76 -15.29
CA THR A 377 -1.67 11.35 -15.83
C THR A 377 -2.69 11.15 -14.72
N TRP A 378 -2.25 10.71 -13.53
CA TRP A 378 -3.18 10.58 -12.42
C TRP A 378 -3.76 11.92 -12.00
N ILE A 379 -3.00 13.00 -12.20
CA ILE A 379 -3.53 14.33 -11.88
C ILE A 379 -4.83 14.57 -12.66
N GLU A 380 -4.82 14.31 -13.96
CA GLU A 380 -6.02 14.52 -14.75
C GLU A 380 -7.07 13.45 -14.47
N VAL A 381 -6.64 12.21 -14.23
CA VAL A 381 -7.60 11.13 -13.99
C VAL A 381 -8.34 11.35 -12.67
N SER A 382 -7.61 11.66 -11.60
CA SER A 382 -8.18 11.71 -10.27
C SER A 382 -8.95 12.99 -9.99
N GLY A 383 -8.95 13.94 -10.92
CA GLY A 383 -9.62 15.21 -10.67
C GLY A 383 -8.99 16.03 -9.56
N SER A 384 -7.66 16.14 -9.56
CA SER A 384 -6.95 16.97 -8.61
C SER A 384 -6.09 18.03 -9.30
N SER A 385 -6.44 18.39 -10.53
CA SER A 385 -5.74 19.43 -11.25
C SER A 385 -5.99 20.79 -10.62
N ALA A 386 -5.28 21.80 -11.10
CA ALA A 386 -5.36 23.13 -10.53
C ALA A 386 -6.78 23.69 -10.62
N LYS A 387 -7.39 23.60 -11.80
CA LYS A 387 -8.73 24.15 -11.97
C LYS A 387 -9.75 23.43 -11.11
N ASP A 388 -9.62 22.11 -10.98
CA ASP A 388 -10.56 21.35 -10.16
C ASP A 388 -10.44 21.75 -8.69
N VAL A 389 -9.21 21.91 -8.20
CA VAL A 389 -9.01 22.32 -6.82
C VAL A 389 -9.54 23.74 -6.60
N ALA A 390 -9.34 24.62 -7.59
CA ALA A 390 -9.89 25.97 -7.48
C ALA A 390 -11.41 25.93 -7.42
N LYS A 391 -12.04 25.07 -8.22
CA LYS A 391 -13.49 24.94 -8.17
C LYS A 391 -13.94 24.42 -6.81
N GLN A 392 -13.22 23.45 -6.25
CA GLN A 392 -13.56 22.97 -4.91
C GLN A 392 -13.44 24.08 -3.88
N LEU A 393 -12.38 24.88 -3.96
CA LEU A 393 -12.21 25.98 -3.02
C LEU A 393 -13.33 27.00 -3.16
N LYS A 394 -13.73 27.29 -4.40
CA LYS A 394 -14.87 28.18 -4.62
C LYS A 394 -16.13 27.60 -4.00
N GLU A 395 -16.32 26.28 -4.11
CA GLU A 395 -17.45 25.63 -3.46
C GLU A 395 -17.38 25.78 -1.95
N GLN A 396 -16.18 25.79 -1.38
CA GLN A 396 -16.01 25.91 0.06
C GLN A 396 -15.89 27.37 0.53
N GLN A 397 -16.06 28.34 -0.37
CA GLN A 397 -15.97 29.76 -0.10
C GLN A 397 -14.55 30.21 0.24
N MET A 398 -13.57 29.32 0.20
CA MET A 398 -12.21 29.68 0.55
C MET A 398 -11.52 30.37 -0.62
N VAL A 399 -10.89 31.52 -0.36
CA VAL A 399 -10.24 32.31 -1.39
C VAL A 399 -8.87 32.76 -0.90
N MET A 400 -8.03 33.15 -1.84
CA MET A 400 -6.76 33.78 -1.54
C MET A 400 -6.96 35.29 -1.35
N ARG A 401 -6.05 35.90 -0.58
CA ARG A 401 -6.24 37.29 -0.21
C ARG A 401 -6.15 38.21 -1.41
N GLY A 402 -5.08 38.09 -2.20
CA GLY A 402 -4.77 39.13 -3.16
C GLY A 402 -5.22 38.92 -4.58
N HIS A 403 -5.70 37.72 -4.90
CA HIS A 403 -5.93 37.33 -6.28
C HIS A 403 -7.43 37.23 -6.58
N ARG A 404 -7.80 37.65 -7.80
CA ARG A 404 -9.16 37.52 -8.28
C ARG A 404 -9.63 36.07 -8.17
N GLU A 405 -10.93 35.85 -8.16
CA GLU A 405 -11.47 34.50 -8.03
C GLU A 405 -11.12 33.60 -9.21
N THR A 406 -10.64 34.17 -10.33
CA THR A 406 -10.21 33.39 -11.48
C THR A 406 -8.71 33.23 -11.55
N SER A 407 -7.94 34.15 -10.99
CA SER A 407 -6.49 34.07 -11.02
C SER A 407 -5.92 33.08 -10.02
N MET A 408 -6.73 32.61 -9.06
CA MET A 408 -6.25 31.58 -8.13
C MET A 408 -5.82 30.33 -8.88
N VAL A 409 -6.46 30.05 -10.01
CA VAL A 409 -6.08 28.89 -10.82
C VAL A 409 -4.62 29.01 -11.25
N HIS A 410 -4.19 30.22 -11.62
CA HIS A 410 -2.81 30.39 -12.06
C HIS A 410 -1.83 30.21 -10.90
N GLU A 411 -2.19 30.72 -9.72
CA GLU A 411 -1.32 30.54 -8.56
C GLU A 411 -1.17 29.06 -8.23
N LEU A 412 -2.27 28.30 -8.26
CA LEU A 412 -2.17 26.86 -8.05
C LEU A 412 -1.35 26.20 -9.15
N ASN A 413 -1.62 26.58 -10.39
CA ASN A 413 -0.96 25.98 -11.55
C ASN A 413 0.55 26.21 -11.51
N ARG A 414 0.99 27.26 -10.82
CA ARG A 414 2.43 27.47 -10.67
C ARG A 414 3.12 26.30 -9.98
N TYR A 415 2.40 25.59 -9.11
CA TYR A 415 3.00 24.50 -8.35
C TYR A 415 2.45 23.13 -8.72
N ILE A 416 1.13 22.99 -8.82
CA ILE A 416 0.50 21.66 -8.82
C ILE A 416 1.06 20.74 -9.91
N PRO A 417 1.11 21.13 -11.19
CA PRO A 417 1.59 20.18 -12.20
C PRO A 417 3.06 19.81 -12.02
N THR A 418 3.91 20.83 -11.87
CA THR A 418 5.33 20.54 -11.65
C THR A 418 5.55 19.87 -10.31
N ALA A 419 4.73 20.17 -9.31
CA ALA A 419 4.84 19.45 -8.05
C ALA A 419 4.56 17.97 -8.24
N ALA A 420 3.53 17.63 -9.02
CA ALA A 420 3.22 16.23 -9.26
C ALA A 420 4.32 15.54 -10.04
N ALA A 421 4.84 16.20 -11.07
CA ALA A 421 5.91 15.58 -11.86
C ALA A 421 7.16 15.37 -11.02
N PHE A 422 7.54 16.37 -10.22
CA PHE A 422 8.72 16.21 -9.38
C PHE A 422 8.47 15.22 -8.26
N GLY A 423 7.23 15.10 -7.78
CA GLY A 423 6.93 14.06 -6.81
C GLY A 423 7.12 12.67 -7.40
N GLY A 424 6.67 12.49 -8.64
CA GLY A 424 6.94 11.23 -9.32
C GLY A 424 8.41 10.95 -9.46
N LEU A 425 9.18 11.95 -9.90
CA LEU A 425 10.62 11.77 -10.06
C LEU A 425 11.28 11.43 -8.73
N CYS A 426 10.94 12.15 -7.66
CA CYS A 426 11.58 11.93 -6.38
C CYS A 426 11.20 10.59 -5.77
N ILE A 427 9.93 10.18 -5.95
CA ILE A 427 9.53 8.89 -5.38
C ILE A 427 10.18 7.75 -6.15
N GLY A 428 10.34 7.89 -7.47
CA GLY A 428 11.11 6.92 -8.22
C GLY A 428 12.56 6.88 -7.78
N ALA A 429 13.14 8.06 -7.50
CA ALA A 429 14.53 8.09 -7.03
C ALA A 429 14.66 7.40 -5.69
N LEU A 430 13.69 7.60 -4.80
CA LEU A 430 13.69 6.87 -3.53
C LEU A 430 13.59 5.37 -3.77
N SER A 431 12.77 4.96 -4.73
CA SER A 431 12.65 3.54 -5.04
C SER A 431 13.98 2.96 -5.50
N VAL A 432 14.67 3.66 -6.40
CA VAL A 432 15.94 3.14 -6.90
C VAL A 432 17.00 3.18 -5.82
N LEU A 433 16.97 4.17 -4.93
CA LEU A 433 17.92 4.19 -3.82
C LEU A 433 17.68 3.01 -2.88
N ALA A 434 16.41 2.72 -2.57
CA ALA A 434 16.11 1.58 -1.72
C ALA A 434 16.51 0.28 -2.39
N ASP A 435 16.35 0.20 -3.71
CA ASP A 435 16.82 -0.98 -4.45
C ASP A 435 18.34 -1.12 -4.35
N PHE A 436 19.06 0.01 -4.49
CA PHE A 436 20.51 -0.04 -4.37
C PHE A 436 20.94 -0.51 -2.98
N LEU A 437 20.32 0.04 -1.94
CA LEU A 437 20.62 -0.42 -0.59
C LEU A 437 20.04 -1.80 -0.30
N GLY A 438 19.14 -2.28 -1.14
CA GLY A 438 18.61 -3.63 -0.96
C GLY A 438 17.82 -3.81 0.32
N ALA A 439 16.96 -2.86 0.66
CA ALA A 439 16.18 -2.96 1.88
C ALA A 439 15.14 -4.08 1.75
N ILE A 440 14.41 -4.30 2.85
CA ILE A 440 13.40 -5.35 2.87
C ILE A 440 12.30 -5.04 1.87
N GLY A 441 11.88 -6.06 1.12
CA GLY A 441 10.77 -5.91 0.21
C GLY A 441 11.10 -5.29 -1.13
N SER A 442 12.38 -5.29 -1.52
CA SER A 442 12.82 -4.76 -2.81
C SER A 442 12.46 -3.29 -2.97
N GLY A 443 12.62 -2.52 -1.91
CA GLY A 443 12.40 -1.08 -1.98
C GLY A 443 10.94 -0.70 -2.09
N THR A 444 10.27 -1.19 -3.13
CA THR A 444 8.85 -0.99 -3.27
C THR A 444 8.11 -1.63 -2.09
N GLY A 445 6.98 -1.06 -1.74
CA GLY A 445 6.27 -1.50 -0.56
C GLY A 445 6.69 -0.76 0.68
N ILE A 446 8.00 -0.59 0.87
CA ILE A 446 8.49 0.28 1.94
C ILE A 446 7.91 1.67 1.78
N LEU A 447 7.95 2.19 0.55
CA LEU A 447 7.33 3.48 0.29
C LEU A 447 5.82 3.40 0.48
N LEU A 448 5.20 2.30 0.03
CA LEU A 448 3.82 2.05 0.40
C LEU A 448 3.65 2.02 1.91
N ALA A 449 4.59 1.40 2.62
CA ALA A 449 4.48 1.29 4.06
C ALA A 449 4.40 2.66 4.72
N VAL A 450 5.36 3.53 4.39
CA VAL A 450 5.40 4.85 5.01
C VAL A 450 4.18 5.68 4.62
N THR A 451 3.78 5.62 3.35
CA THR A 451 2.62 6.40 2.93
C THR A 451 1.35 5.91 3.62
N ILE A 452 1.21 4.60 3.80
CA ILE A 452 0.01 4.08 4.46
C ILE A 452 0.01 4.47 5.94
N ILE A 453 1.19 4.45 6.58
CA ILE A 453 1.25 4.90 7.97
C ILE A 453 0.87 6.37 8.07
N TYR A 454 1.35 7.19 7.14
CA TYR A 454 0.97 8.60 7.15
C TYR A 454 -0.51 8.78 6.89
N GLN A 455 -1.09 7.93 6.03
CA GLN A 455 -2.53 7.99 5.81
C GLN A 455 -3.29 7.67 7.09
N TYR A 456 -2.80 6.68 7.84
CA TYR A 456 -3.41 6.38 9.14
C TYR A 456 -3.31 7.57 10.08
N PHE A 457 -2.16 8.24 10.07
CA PHE A 457 -1.99 9.45 10.89
C PHE A 457 -2.96 10.54 10.46
N GLU A 458 -3.10 10.74 9.15
CA GLU A 458 -4.02 11.76 8.64
C GLU A 458 -5.45 11.46 9.05
N ILE A 459 -5.84 10.19 9.02
CA ILE A 459 -7.17 9.82 9.47
C ILE A 459 -7.31 10.06 10.97
N PHE A 460 -6.28 9.72 11.75
CA PHE A 460 -6.32 9.97 13.18
C PHE A 460 -6.40 11.46 13.50
N VAL A 461 -5.97 12.31 12.55
CA VAL A 461 -6.10 13.75 12.73
C VAL A 461 -7.56 14.15 12.92
N LYS A 462 -8.49 13.38 12.35
CA LYS A 462 -9.91 13.71 12.47
C LYS A 462 -10.36 13.75 13.93
N GLU A 463 -9.82 12.85 14.76
CA GLU A 463 -10.17 12.83 16.18
C GLU A 463 -9.75 14.12 16.88
N GLN A 464 -8.72 14.81 16.39
CA GLN A 464 -8.22 16.03 17.02
C GLN A 464 -8.77 17.29 16.39
N SER A 465 -9.65 17.18 15.39
CA SER A 465 -10.23 18.36 14.75
C SER A 465 -11.76 18.27 14.71
N PHE B 7 13.02 20.68 -29.19
CA PHE B 7 14.35 20.45 -28.64
C PHE B 7 14.27 20.29 -27.12
N VAL B 8 15.42 20.40 -26.45
CA VAL B 8 15.51 20.03 -25.04
C VAL B 8 15.28 21.20 -24.09
N GLU B 9 15.30 22.45 -24.57
CA GLU B 9 15.16 23.61 -23.68
C GLU B 9 13.98 23.51 -22.72
N PRO B 10 12.79 23.07 -23.11
CA PRO B 10 11.71 22.93 -22.11
C PRO B 10 12.04 21.95 -21.01
N SER B 11 12.89 20.95 -21.25
CA SER B 11 13.32 20.08 -20.16
C SER B 11 14.12 20.86 -19.13
N ARG B 12 15.04 21.72 -19.57
CA ARG B 12 15.79 22.56 -18.64
C ARG B 12 14.89 23.56 -17.93
N GLN B 13 13.86 24.05 -18.63
CA GLN B 13 12.86 24.88 -17.98
C GLN B 13 12.15 24.12 -16.86
N PHE B 14 11.82 22.85 -17.12
CA PHE B 14 11.26 22.01 -16.07
C PHE B 14 12.23 21.85 -14.91
N VAL B 15 13.52 21.72 -15.22
CA VAL B 15 14.52 21.61 -14.15
C VAL B 15 14.49 22.85 -13.26
N LYS B 16 14.54 24.04 -13.87
CA LYS B 16 14.55 25.25 -13.05
C LYS B 16 13.22 25.43 -12.33
N ASP B 17 12.13 24.96 -12.91
CA ASP B 17 10.87 24.90 -12.18
C ASP B 17 11.01 24.05 -10.92
N SER B 18 11.68 22.90 -11.04
CA SER B 18 11.86 22.02 -9.90
C SER B 18 12.69 22.68 -8.81
N ILE B 19 13.78 23.35 -9.18
CA ILE B 19 14.56 24.07 -8.18
C ILE B 19 13.73 25.16 -7.51
N ARG B 20 12.96 25.92 -8.30
CA ARG B 20 12.14 26.97 -7.70
C ARG B 20 11.12 26.38 -6.72
N LEU B 21 10.47 25.27 -7.10
CA LEU B 21 9.51 24.63 -6.21
C LEU B 21 10.17 24.16 -4.93
N VAL B 22 11.33 23.52 -5.04
CA VAL B 22 12.00 23.01 -3.84
C VAL B 22 12.40 24.16 -2.94
N LYS B 23 12.93 25.24 -3.52
CA LYS B 23 13.30 26.40 -2.72
C LYS B 23 12.08 27.12 -2.14
N ARG B 24 10.90 26.89 -2.68
CA ARG B 24 9.68 27.46 -2.15
C ARG B 24 9.01 26.53 -1.13
N CYS B 25 9.38 25.26 -1.12
CA CYS B 25 8.71 24.26 -0.31
C CYS B 25 9.12 24.40 1.15
N THR B 26 8.21 24.00 2.03
CA THR B 26 8.42 24.11 3.48
C THR B 26 9.01 22.80 3.99
N LYS B 27 10.34 22.76 4.08
CA LYS B 27 11.01 21.56 4.56
C LYS B 27 10.78 21.39 6.06
N PRO B 28 10.63 20.16 6.55
CA PRO B 28 10.50 19.95 7.99
C PRO B 28 11.77 20.34 8.73
N ASP B 29 11.62 20.87 9.93
CA ASP B 29 12.75 21.12 10.79
C ASP B 29 12.95 19.94 11.73
N ARG B 30 13.99 20.02 12.56
CA ARG B 30 14.30 18.91 13.47
C ARG B 30 13.18 18.71 14.48
N LYS B 31 12.63 19.81 15.00
CA LYS B 31 11.66 19.72 16.10
C LYS B 31 10.41 18.98 15.67
N GLU B 32 9.89 19.26 14.48
CA GLU B 32 8.67 18.58 14.05
C GLU B 32 8.98 17.24 13.40
N PHE B 33 10.18 17.07 12.84
CA PHE B 33 10.59 15.76 12.36
C PHE B 33 10.60 14.75 13.52
N GLN B 34 11.14 15.19 14.67
CA GLN B 34 11.26 14.30 15.82
C GLN B 34 9.90 13.80 16.29
N LYS B 35 8.82 14.53 15.99
CA LYS B 35 7.49 14.11 16.39
C LYS B 35 6.71 13.43 15.28
N ILE B 36 6.96 13.81 14.02
CA ILE B 36 6.28 13.14 12.91
C ILE B 36 6.81 11.73 12.74
N ALA B 37 8.13 11.54 12.79
CA ALA B 37 8.67 10.20 12.67
C ALA B 37 8.29 9.32 13.86
N MET B 38 7.98 9.92 15.01
CA MET B 38 7.59 9.13 16.17
C MET B 38 6.31 8.36 15.91
N ALA B 39 5.32 9.01 15.28
CA ALA B 39 4.06 8.33 14.98
C ALA B 39 4.27 7.19 14.00
N THR B 40 5.13 7.40 12.99
CA THR B 40 5.44 6.33 12.06
C THR B 40 6.09 5.15 12.77
N ALA B 41 7.04 5.42 13.67
CA ALA B 41 7.67 4.35 14.41
C ALA B 41 6.67 3.62 15.29
N ILE B 42 5.78 4.36 15.96
CA ILE B 42 4.80 3.74 16.84
C ILE B 42 3.86 2.83 16.05
N GLY B 43 3.35 3.31 14.92
CA GLY B 43 2.49 2.47 14.11
C GLY B 43 3.21 1.24 13.58
N PHE B 44 4.42 1.45 13.06
CA PHE B 44 5.26 0.37 12.58
C PHE B 44 5.40 -0.73 13.63
N ALA B 45 5.80 -0.33 14.84
CA ALA B 45 6.00 -1.30 15.91
C ALA B 45 4.69 -1.96 16.32
N ILE B 46 3.64 -1.16 16.53
CA ILE B 46 2.40 -1.69 17.09
C ILE B 46 1.76 -2.70 16.15
N MET B 47 2.01 -2.57 14.85
CA MET B 47 1.38 -3.51 13.95
C MET B 47 2.30 -4.64 13.50
N GLY B 48 3.62 -4.39 13.39
CA GLY B 48 4.55 -5.49 13.24
C GLY B 48 4.52 -6.43 14.42
N PHE B 49 4.14 -5.92 15.60
CA PHE B 49 3.96 -6.80 16.75
C PHE B 49 2.85 -7.81 16.48
N ILE B 50 1.71 -7.36 15.98
CA ILE B 50 0.62 -8.29 15.67
C ILE B 50 1.05 -9.26 14.58
N GLY B 51 1.80 -8.78 13.59
CA GLY B 51 2.34 -9.69 12.58
C GLY B 51 3.21 -10.78 13.19
N PHE B 52 4.12 -10.39 14.10
CA PHE B 52 4.99 -11.37 14.75
C PHE B 52 4.20 -12.34 15.60
N PHE B 53 3.17 -11.84 16.31
CA PHE B 53 2.32 -12.73 17.11
C PHE B 53 1.60 -13.75 16.25
N VAL B 54 1.06 -13.33 15.11
CA VAL B 54 0.37 -14.32 14.28
C VAL B 54 1.37 -15.30 13.68
N LYS B 55 2.60 -14.86 13.39
CA LYS B 55 3.62 -15.82 12.97
C LYS B 55 3.92 -16.83 14.07
N LEU B 56 4.01 -16.35 15.31
CA LEU B 56 4.26 -17.24 16.43
C LEU B 56 3.12 -18.25 16.60
N ILE B 57 1.89 -17.80 16.40
CA ILE B 57 0.74 -18.71 16.49
C ILE B 57 0.73 -19.70 15.34
N HIS B 58 1.25 -19.31 14.16
CA HIS B 58 1.40 -20.28 13.08
C HIS B 58 2.47 -21.30 13.40
N ILE B 59 3.48 -20.92 14.20
CA ILE B 59 4.58 -21.85 14.49
C ILE B 59 4.12 -23.21 15.00
N PRO B 60 3.22 -23.31 16.00
CA PRO B 60 2.85 -24.63 16.53
C PRO B 60 1.86 -25.40 15.65
N ILE B 61 0.97 -24.68 14.96
CA ILE B 61 -0.08 -25.36 14.20
C ILE B 61 0.52 -26.20 13.08
N ASN B 62 1.70 -25.81 12.58
CA ASN B 62 2.41 -26.64 11.62
C ASN B 62 2.94 -27.90 12.30
N ASN B 63 3.58 -27.74 13.46
CA ASN B 63 4.05 -28.86 14.27
C ASN B 63 4.39 -28.39 15.67
N UNK C 1 -33.06 -2.19 2.27
CA UNK C 1 -32.98 -3.50 1.63
C UNK C 1 -33.89 -4.51 2.32
N UNK C 2 -33.72 -5.78 1.97
CA UNK C 2 -34.51 -6.82 2.61
C UNK C 2 -33.88 -7.32 3.90
N UNK C 3 -32.55 -7.27 4.00
CA UNK C 3 -31.85 -7.70 5.20
C UNK C 3 -30.64 -6.78 5.40
N UNK C 4 -29.88 -7.06 6.46
CA UNK C 4 -28.68 -6.30 6.76
C UNK C 4 -27.81 -7.10 7.71
N UNK C 5 -26.50 -7.08 7.47
CA UNK C 5 -25.54 -7.80 8.30
C UNK C 5 -25.04 -6.87 9.40
N UNK C 6 -25.29 -7.25 10.65
CA UNK C 6 -24.81 -6.46 11.77
C UNK C 6 -23.30 -6.57 11.90
N UNK C 7 -22.69 -5.53 12.48
CA UNK C 7 -21.24 -5.56 12.70
C UNK C 7 -20.86 -6.69 13.63
N UNK C 8 -21.64 -6.91 14.70
CA UNK C 8 -21.43 -8.07 15.56
C UNK C 8 -21.65 -9.36 14.79
N UNK C 9 -22.64 -9.38 13.90
CA UNK C 9 -22.86 -10.55 13.06
C UNK C 9 -21.67 -10.80 12.15
N UNK C 10 -21.08 -9.72 11.60
CA UNK C 10 -19.89 -9.87 10.78
C UNK C 10 -18.72 -10.42 11.58
N UNK C 11 -18.54 -9.94 12.82
CA UNK C 11 -17.47 -10.45 13.66
C UNK C 11 -17.69 -11.92 14.01
N UNK C 12 -18.94 -12.31 14.28
CA UNK C 12 -19.25 -13.70 14.56
C UNK C 12 -18.99 -14.58 13.34
N UNK C 13 -19.35 -14.10 12.15
CA UNK C 13 -19.07 -14.84 10.93
C UNK C 13 -17.57 -14.99 10.70
N UNK C 14 -16.81 -13.93 10.96
CA UNK C 14 -15.35 -14.01 10.85
C UNK C 14 -14.78 -15.02 11.83
N UNK C 15 -15.30 -15.03 13.07
CA UNK C 15 -14.85 -16.00 14.05
C UNK C 15 -15.17 -17.43 13.60
N UNK C 16 -16.37 -17.64 13.05
CA UNK C 16 -16.77 -18.97 12.62
C UNK C 16 -16.09 -19.40 11.33
N UNK C 17 -15.53 -18.46 10.57
CA UNK C 17 -14.84 -18.81 9.33
C UNK C 17 -13.63 -19.70 9.59
N UNK C 18 -13.07 -19.64 10.80
CA UNK C 18 -11.91 -20.48 11.13
C UNK C 18 -12.31 -21.94 11.33
N UNK C 19 -13.59 -22.24 11.50
CA UNK C 19 -14.02 -23.61 11.77
C UNK C 19 -13.73 -24.52 10.58
N UNK C 20 -13.97 -24.03 9.36
CA UNK C 20 -13.74 -24.87 8.18
C UNK C 20 -12.27 -25.21 8.01
N UNK C 21 -11.38 -24.26 8.29
CA UNK C 21 -9.95 -24.49 8.16
C UNK C 21 -9.22 -24.16 9.45
N UNK C 23 -11.06 -25.13 12.67
CA UNK C 23 -9.84 -25.93 12.53
C UNK C 23 -10.18 -27.37 12.11
N UNK C 24 -10.91 -27.50 11.01
CA UNK C 24 -11.30 -28.81 10.51
C UNK C 24 -10.20 -29.50 9.72
N UNK C 25 -9.07 -28.83 9.49
CA UNK C 25 -7.96 -29.44 8.77
C UNK C 25 -7.44 -30.68 9.50
N UNK C 26 -7.60 -30.72 10.84
CA UNK C 26 -7.18 -31.90 11.59
C UNK C 26 -8.06 -33.11 11.27
N UNK C 27 -9.34 -32.87 10.97
CA UNK C 27 -10.22 -33.97 10.57
C UNK C 27 -9.83 -34.45 9.18
N UNK C 28 -9.80 -35.78 9.02
CA UNK C 28 -9.37 -36.36 7.75
C UNK C 28 -10.33 -35.95 6.64
N UNK C 29 -9.77 -35.72 5.45
CA UNK C 29 -10.56 -35.32 4.29
C UNK C 29 -11.36 -36.48 3.74
N LEU D 6 -7.66 -7.66 -13.87
CA LEU D 6 -8.91 -8.35 -14.47
C LEU D 6 -9.35 -9.48 -13.42
#